data_2O3U
#
_entry.id   2O3U
#
_cell.length_a   41.975
_cell.length_b   53.091
_cell.length_c   65.678
_cell.angle_alpha   106.08
_cell.angle_beta   91.92
_cell.angle_gamma   95.18
#
_symmetry.space_group_name_H-M   'P 1'
#
loop_
_entity.id
_entity.type
_entity.pdbx_description
1 polymer 'ADP-ribosyl cyclase 1'
2 non-polymer '3-(AMINOCARBONYL)-1-[(2R,3R,4S,5R)-5-({[(S)-{[(S)-{[(2R,3S,4R,5R)-5-(2-AMINO-6-OXO-1,6-DIHYDRO-9H-PURIN-9-YL)-3,4-DIHYD ROXYTETRAHYDROFURAN-2-YL]METHOXY}(HYDROXY)PHOSPHORYL]OXY}(HYDROXY)PHOSPHORYL]OXY}METHYL)-3,4-DIHYDROXYTETRAHYDROFURAN-2- YL]PYRIDINIUM'
3 water water
#
_entity_poly.entity_id   1
_entity_poly.type   'polypeptide(L)'
_entity_poly.pdbx_seq_one_letter_code
;KREAEARWRQTWSGPGTTKRFPETVLARCVKYTEIHPEMRHVDCQSVWDAFKGAFISKHPCDITEEDYQPLMKLGTQTVP
CNKILLWSRIKDLAHQFTQVQRDMFTLEDTLLGYLADDLTWCGEFDTSKINYQSCPDWRKDCSNNPVSVFWKTVSRRFAE
AACDVVHVMLDGSRSKIFDKDSTFGSVQVHNLQPEKVQTLEAWVIHGGREDSRDLCQDPTIKELESIISKRNIQFSCKNI
YRPDKFLQCVKNPEDSSCTSEI
;
_entity_poly.pdbx_strand_id   A,B
#
# COMPACT_ATOMS: atom_id res chain seq x y z
N ARG A 7 -7.67 -28.47 28.42
CA ARG A 7 -6.29 -28.67 27.59
C ARG A 7 -5.17 -27.79 28.18
N TRP A 8 -3.96 -28.36 28.17
CA TRP A 8 -2.79 -27.74 28.79
C TRP A 8 -1.87 -26.99 27.79
N ARG A 9 -2.06 -27.23 26.48
CA ARG A 9 -1.21 -26.62 25.42
C ARG A 9 -2.06 -26.10 24.24
N GLN A 10 -2.11 -24.78 24.10
CA GLN A 10 -2.87 -24.15 23.01
C GLN A 10 -2.04 -23.97 21.73
N THR A 11 -2.73 -23.75 20.61
CA THR A 11 -2.09 -23.61 19.30
C THR A 11 -1.28 -22.32 19.15
N TRP A 12 -1.89 -21.22 19.59
CA TRP A 12 -1.31 -19.89 19.47
C TRP A 12 -0.94 -19.41 20.85
N SER A 13 -0.15 -18.34 20.95
CA SER A 13 0.32 -17.88 22.27
C SER A 13 -0.40 -16.65 22.81
N GLY A 14 -1.46 -16.23 22.11
CA GLY A 14 -2.25 -15.06 22.51
C GLY A 14 -3.66 -15.48 22.92
N PRO A 15 -4.36 -14.62 23.69
CA PRO A 15 -5.76 -14.83 24.07
C PRO A 15 -6.69 -15.24 22.93
N GLY A 16 -7.67 -16.07 23.26
CA GLY A 16 -8.65 -16.56 22.30
C GLY A 16 -9.73 -15.53 22.08
N THR A 17 -10.62 -15.81 21.13
CA THR A 17 -11.68 -14.87 20.76
C THR A 17 -12.44 -14.46 22.03
N THR A 18 -12.78 -13.17 22.15
CA THR A 18 -13.54 -12.70 23.30
C THR A 18 -14.83 -13.50 23.43
N LYS A 19 -15.18 -13.89 24.65
CA LYS A 19 -16.40 -14.65 24.90
C LYS A 19 -17.58 -13.88 24.35
N ARG A 20 -18.53 -14.59 23.75
CA ARG A 20 -19.74 -13.96 23.20
C ARG A 20 -19.45 -12.92 22.13
N PHE A 21 -18.40 -13.16 21.34
CA PHE A 21 -18.00 -12.24 20.28
C PHE A 21 -19.11 -11.92 19.27
N PRO A 22 -19.81 -12.94 18.72
CA PRO A 22 -20.91 -12.62 17.80
C PRO A 22 -21.93 -11.67 18.44
N GLU A 23 -22.40 -12.04 19.63
CA GLU A 23 -23.43 -11.29 20.35
C GLU A 23 -22.99 -9.87 20.68
N THR A 24 -21.72 -9.73 21.06
CA THR A 24 -21.12 -8.44 21.43
C THR A 24 -20.97 -7.47 20.26
N VAL A 25 -20.41 -7.94 19.15
CA VAL A 25 -20.31 -7.14 17.93
C VAL A 25 -21.71 -6.69 17.47
N LEU A 26 -22.68 -7.59 17.52
CA LEU A 26 -24.04 -7.26 17.10
C LEU A 26 -24.74 -6.22 18.01
N ALA A 27 -24.57 -6.37 19.32
CA ALA A 27 -25.11 -5.43 20.31
C ALA A 27 -24.42 -4.06 20.22
N ARG A 28 -23.13 -4.07 19.95
CA ARG A 28 -22.42 -2.82 19.70
C ARG A 28 -22.94 -2.15 18.44
N CYS A 29 -23.17 -2.93 17.39
CA CYS A 29 -23.72 -2.34 16.17
C CYS A 29 -25.13 -1.77 16.40
N VAL A 30 -25.98 -2.48 17.13
CA VAL A 30 -27.29 -1.94 17.51
C VAL A 30 -27.11 -0.59 18.23
N LYS A 31 -26.37 -0.62 19.34
CA LYS A 31 -26.16 0.57 20.14
C LYS A 31 -25.67 1.75 19.29
N TYR A 32 -24.60 1.55 18.52
CA TYR A 32 -24.01 2.61 17.69
C TYR A 32 -24.99 3.23 16.68
N THR A 33 -25.71 2.37 15.98
CA THR A 33 -26.63 2.80 14.92
C THR A 33 -27.87 3.52 15.47
N GLU A 34 -28.28 3.17 16.69
CA GLU A 34 -29.38 3.85 17.38
C GLU A 34 -28.98 5.25 17.85
N ILE A 35 -27.72 5.38 18.29
CA ILE A 35 -27.23 6.65 18.83
C ILE A 35 -26.86 7.64 17.73
N HIS A 36 -26.16 7.16 16.71
CA HIS A 36 -25.63 8.00 15.64
C HIS A 36 -26.56 8.01 14.45
N PRO A 37 -27.21 9.17 14.21
CA PRO A 37 -28.25 9.24 13.17
C PRO A 37 -27.74 8.99 11.75
N GLU A 38 -26.50 9.39 11.48
CA GLU A 38 -25.91 9.17 10.15
C GLU A 38 -25.74 7.68 9.78
N MET A 39 -25.74 6.81 10.79
CA MET A 39 -25.58 5.36 10.58
C MET A 39 -26.88 4.56 10.76
N ARG A 40 -28.03 5.21 10.55
CA ARG A 40 -29.36 4.60 10.67
C ARG A 40 -29.71 3.65 9.52
N HIS A 41 -28.97 3.73 8.42
CA HIS A 41 -29.25 2.92 7.23
C HIS A 41 -28.55 1.57 7.31
N VAL A 42 -27.69 1.44 8.31
CA VAL A 42 -26.86 0.26 8.48
C VAL A 42 -27.68 -0.93 9.01
N ASP A 43 -27.67 -2.04 8.28
CA ASP A 43 -28.27 -3.28 8.75
C ASP A 43 -27.20 -4.09 9.48
N CYS A 44 -27.41 -4.29 10.77
CA CYS A 44 -26.39 -4.86 11.64
C CYS A 44 -26.08 -6.34 11.44
N GLN A 45 -27.07 -7.14 11.02
CA GLN A 45 -26.82 -8.54 10.72
C GLN A 45 -25.83 -8.69 9.56
N SER A 46 -26.04 -7.92 8.49
CA SER A 46 -25.13 -7.94 7.34
C SER A 46 -23.75 -7.38 7.70
N VAL A 47 -23.70 -6.44 8.65
CA VAL A 47 -22.41 -5.99 9.17
C VAL A 47 -21.73 -7.18 9.87
N TRP A 48 -22.47 -7.84 10.77
CA TRP A 48 -21.94 -9.03 11.43
C TRP A 48 -21.46 -10.09 10.44
N ASP A 49 -22.28 -10.36 9.42
CA ASP A 49 -21.94 -11.30 8.38
C ASP A 49 -20.66 -10.96 7.61
N ALA A 50 -20.49 -9.69 7.25
CA ALA A 50 -19.28 -9.25 6.60
C ALA A 50 -18.05 -9.37 7.52
N PHE A 51 -18.24 -9.10 8.81
CA PHE A 51 -17.15 -9.18 9.80
C PHE A 51 -16.71 -10.66 9.87
N LYS A 52 -17.70 -11.54 10.06
CA LYS A 52 -17.55 -12.99 10.09
C LYS A 52 -16.87 -13.54 8.83
N GLY A 53 -17.28 -13.06 7.66
CA GLY A 53 -16.73 -13.52 6.37
C GLY A 53 -15.27 -13.21 6.14
N ALA A 54 -14.72 -12.34 6.97
CA ALA A 54 -13.33 -11.91 6.84
C ALA A 54 -12.31 -12.86 7.45
N PHE A 55 -12.72 -13.67 8.43
CA PHE A 55 -11.77 -14.51 9.16
C PHE A 55 -12.19 -15.97 9.38
N ILE A 56 -13.48 -16.24 9.25
CA ILE A 56 -14.03 -17.57 9.44
C ILE A 56 -13.63 -18.48 8.28
N SER A 57 -13.17 -19.69 8.60
CA SER A 57 -12.71 -20.67 7.59
C SER A 57 -11.38 -20.32 6.95
N LYS A 58 -10.66 -19.39 7.56
CA LYS A 58 -9.45 -18.85 6.98
C LYS A 58 -8.29 -19.04 7.95
N HIS A 59 -7.13 -19.36 7.41
CA HIS A 59 -5.97 -19.52 8.26
C HIS A 59 -5.69 -18.19 8.99
N PRO A 60 -5.66 -18.20 10.33
CA PRO A 60 -5.54 -16.94 11.06
C PRO A 60 -4.15 -16.34 11.02
N CYS A 61 -3.27 -16.91 10.20
CA CYS A 61 -1.99 -16.29 9.90
C CYS A 61 -1.92 -15.87 8.43
N ASP A 62 -3.02 -16.03 7.70
CA ASP A 62 -3.06 -15.62 6.29
C ASP A 62 -4.19 -14.65 5.94
N ILE A 63 -4.45 -13.68 6.82
CA ILE A 63 -5.51 -12.71 6.59
C ILE A 63 -4.99 -11.53 5.77
N THR A 64 -5.82 -11.01 4.88
CA THR A 64 -5.44 -9.85 4.07
C THR A 64 -6.41 -8.71 4.27
N GLU A 65 -6.02 -7.53 3.78
CA GLU A 65 -6.89 -6.36 3.81
C GLU A 65 -8.13 -6.60 2.96
N GLU A 66 -7.98 -7.34 1.86
CA GLU A 66 -9.11 -7.67 1.00
C GLU A 66 -10.21 -8.44 1.72
N ASP A 67 -9.83 -9.25 2.72
CA ASP A 67 -10.80 -10.05 3.47
C ASP A 67 -11.81 -9.12 4.15
N TYR A 68 -11.33 -7.93 4.53
CA TYR A 68 -12.14 -6.95 5.27
C TYR A 68 -12.83 -5.92 4.38
N GLN A 69 -12.66 -6.03 3.06
CA GLN A 69 -13.28 -5.10 2.11
C GLN A 69 -14.82 -5.03 2.14
N PRO A 70 -15.51 -6.18 2.21
CA PRO A 70 -16.96 -6.17 2.45
C PRO A 70 -17.36 -5.46 3.75
N LEU A 71 -16.56 -5.61 4.80
CA LEU A 71 -16.88 -4.92 6.04
C LEU A 71 -16.60 -3.42 5.95
N MET A 72 -15.51 -3.05 5.27
CA MET A 72 -15.15 -1.64 5.13
C MET A 72 -16.25 -0.91 4.39
N LYS A 73 -16.79 -1.55 3.37
CA LYS A 73 -17.86 -0.97 2.57
C LYS A 73 -19.13 -0.72 3.40
N LEU A 74 -19.56 -1.72 4.17
CA LEU A 74 -20.80 -1.57 4.91
C LEU A 74 -20.65 -0.54 6.03
N GLY A 75 -19.42 -0.42 6.55
CA GLY A 75 -19.13 0.52 7.63
C GLY A 75 -18.64 1.89 7.17
N THR A 76 -18.78 2.17 5.87
CA THR A 76 -18.40 3.46 5.30
C THR A 76 -19.07 4.56 6.10
N GLN A 77 -18.30 5.59 6.45
CA GLN A 77 -18.77 6.65 7.32
C GLN A 77 -18.00 7.94 7.08
N THR A 78 -18.72 9.05 6.96
CA THR A 78 -18.12 10.37 6.86
C THR A 78 -17.81 10.89 8.26
N VAL A 79 -16.56 11.29 8.47
CA VAL A 79 -16.09 11.90 9.72
C VAL A 79 -15.63 13.32 9.34
N PRO A 80 -15.96 14.36 10.16
CA PRO A 80 -15.42 15.70 9.91
C PRO A 80 -13.89 15.67 9.80
N CYS A 81 -13.38 15.92 8.61
CA CYS A 81 -11.97 15.66 8.31
C CYS A 81 -11.01 16.45 9.17
N ASN A 82 -11.42 17.65 9.60
CA ASN A 82 -10.55 18.53 10.39
C ASN A 82 -10.61 18.33 11.90
N LYS A 83 -11.28 17.29 12.35
CA LYS A 83 -11.57 17.09 13.76
C LYS A 83 -11.09 15.70 14.23
N ILE A 84 -10.07 15.20 13.56
CA ILE A 84 -9.58 13.86 13.86
C ILE A 84 -8.53 13.88 14.97
N LEU A 85 -8.69 12.98 15.94
CA LEU A 85 -7.66 12.77 16.96
C LEU A 85 -7.06 11.36 16.85
N LEU A 86 -5.77 11.30 16.52
CA LEU A 86 -5.02 10.05 16.55
C LEU A 86 -4.49 9.87 17.99
N TRP A 87 -4.01 8.68 18.33
CA TRP A 87 -3.30 8.49 19.62
C TRP A 87 -2.34 7.31 19.55
N SER A 88 -1.48 7.20 20.56
CA SER A 88 -0.54 6.12 20.62
C SER A 88 -0.19 5.89 22.09
N ARG A 89 -0.50 4.67 22.58
CA ARG A 89 -0.24 4.23 23.97
C ARG A 89 -0.97 5.07 25.03
N ILE A 90 -2.07 5.72 24.66
CA ILE A 90 -2.80 6.61 25.59
C ILE A 90 -4.30 6.66 25.24
N LYS A 91 -4.87 5.48 25.03
CA LYS A 91 -6.24 5.30 24.58
C LYS A 91 -7.28 5.86 25.57
N ASP A 92 -7.08 5.65 26.86
CA ASP A 92 -8.04 6.11 27.88
C ASP A 92 -8.28 7.62 27.90
N LEU A 93 -7.21 8.43 27.92
CA LEU A 93 -7.33 9.90 27.88
C LEU A 93 -7.96 10.40 26.58
N ALA A 94 -7.50 9.85 25.45
CA ALA A 94 -8.04 10.21 24.14
C ALA A 94 -9.56 10.08 24.13
N HIS A 95 -10.07 9.00 24.69
CA HIS A 95 -11.50 8.74 24.70
C HIS A 95 -12.26 9.57 25.73
N GLN A 96 -11.69 9.77 26.91
CA GLN A 96 -12.29 10.64 27.92
C GLN A 96 -12.39 12.06 27.36
N PHE A 97 -11.34 12.51 26.67
CA PHE A 97 -11.33 13.81 25.98
C PHE A 97 -12.50 13.97 25.00
N THR A 98 -12.61 13.04 24.04
CA THR A 98 -13.66 13.17 23.00
C THR A 98 -15.06 12.94 23.53
N GLN A 99 -15.15 12.30 24.69
CA GLN A 99 -16.39 12.13 25.40
C GLN A 99 -16.99 13.44 25.93
N VAL A 100 -16.14 14.43 26.24
CA VAL A 100 -16.61 15.66 26.92
C VAL A 100 -17.66 16.49 26.15
N GLN A 101 -17.31 16.88 24.91
CA GLN A 101 -18.25 17.59 24.02
C GLN A 101 -18.05 17.34 22.53
N ARG A 102 -17.59 16.13 22.17
CA ARG A 102 -17.25 15.78 20.80
C ARG A 102 -16.46 16.92 20.20
N ASP A 103 -15.36 17.26 20.87
CA ASP A 103 -14.45 18.32 20.37
C ASP A 103 -13.73 17.74 19.14
N MET A 104 -13.66 16.41 19.09
CA MET A 104 -12.90 15.66 18.12
C MET A 104 -13.40 14.21 18.04
N PHE A 105 -12.84 13.42 17.12
CA PHE A 105 -13.20 12.04 16.92
C PHE A 105 -11.92 11.19 16.95
N THR A 106 -11.95 10.08 17.67
CA THR A 106 -10.96 9.02 17.48
C THR A 106 -11.53 7.94 16.58
N LEU A 107 -10.69 6.99 16.19
CA LEU A 107 -11.15 5.90 15.35
C LEU A 107 -12.25 5.07 16.03
N GLU A 108 -12.18 4.99 17.35
CA GLU A 108 -13.08 4.17 18.16
C GLU A 108 -14.43 4.87 18.34
N ASP A 109 -14.50 6.12 17.89
CA ASP A 109 -15.76 6.85 17.80
C ASP A 109 -16.46 6.60 16.44
N THR A 110 -15.79 5.92 15.51
CA THR A 110 -16.46 5.49 14.25
C THR A 110 -17.16 4.14 14.48
N LEU A 111 -18.08 3.75 13.60
CA LEU A 111 -18.79 2.51 13.80
C LEU A 111 -17.79 1.36 13.87
N LEU A 112 -16.93 1.28 12.85
CA LEU A 112 -16.00 0.14 12.74
C LEU A 112 -15.07 0.04 13.94
N GLY A 113 -14.48 1.15 14.34
CA GLY A 113 -13.58 1.16 15.51
C GLY A 113 -14.30 0.80 16.78
N TYR A 114 -15.56 1.22 16.85
CA TYR A 114 -16.38 1.01 18.04
C TYR A 114 -16.77 -0.47 18.17
N LEU A 115 -17.03 -1.12 17.04
CA LEU A 115 -17.35 -2.56 17.02
C LEU A 115 -16.24 -3.42 17.57
N ALA A 116 -14.99 -3.10 17.23
CA ALA A 116 -13.84 -3.99 17.49
C ALA A 116 -13.04 -3.62 18.73
N ASP A 117 -13.23 -2.42 19.25
CA ASP A 117 -12.41 -1.97 20.37
C ASP A 117 -12.38 -2.94 21.56
N ASP A 118 -11.16 -3.27 22.02
CA ASP A 118 -10.90 -4.18 23.15
C ASP A 118 -11.29 -5.65 22.93
N LEU A 119 -11.53 -6.03 21.69
CA LEU A 119 -11.95 -7.39 21.38
C LEU A 119 -10.85 -8.14 20.63
N THR A 120 -10.86 -9.47 20.75
CA THR A 120 -9.98 -10.37 20.02
C THR A 120 -10.87 -11.36 19.29
N TRP A 121 -10.43 -11.82 18.12
CA TRP A 121 -11.16 -12.81 17.35
C TRP A 121 -10.25 -13.52 16.37
N CYS A 122 -10.47 -14.84 16.21
CA CYS A 122 -9.84 -15.61 15.13
C CYS A 122 -10.66 -16.86 14.79
N GLY A 123 -10.44 -17.42 13.61
CA GLY A 123 -11.10 -18.66 13.20
C GLY A 123 -10.08 -19.75 12.96
N GLU A 124 -10.41 -20.68 12.07
CA GLU A 124 -9.58 -21.84 11.75
C GLU A 124 -9.67 -22.13 10.26
N PHE A 125 -8.56 -22.56 9.66
CA PHE A 125 -8.59 -23.03 8.28
C PHE A 125 -9.49 -24.26 8.21
N ASP A 126 -10.27 -24.39 7.13
CA ASP A 126 -11.02 -25.62 6.81
C ASP A 126 -12.06 -26.03 7.88
N THR A 127 -12.48 -25.04 8.66
CA THR A 127 -13.45 -25.21 9.75
C THR A 127 -14.13 -23.85 9.94
N SER A 128 -15.43 -23.84 10.17
CA SER A 128 -16.14 -22.57 10.35
C SER A 128 -16.30 -22.17 11.83
N LYS A 129 -15.57 -22.84 12.73
CA LYS A 129 -15.57 -22.52 14.16
C LYS A 129 -14.81 -21.24 14.47
N ILE A 130 -15.34 -20.46 15.43
CA ILE A 130 -14.57 -19.40 16.07
C ILE A 130 -13.60 -20.08 17.04
N ASN A 131 -12.36 -19.57 17.12
CA ASN A 131 -11.37 -20.11 18.06
C ASN A 131 -11.40 -19.31 19.36
N TYR A 132 -12.06 -19.88 20.37
CA TYR A 132 -12.18 -19.25 21.68
C TYR A 132 -11.04 -19.60 22.61
N GLN A 133 -10.15 -20.48 22.17
CA GLN A 133 -9.10 -20.99 23.03
C GLN A 133 -7.79 -20.18 22.92
N SER A 134 -7.38 -19.86 21.69
CA SER A 134 -6.20 -19.01 21.47
C SER A 134 -6.23 -18.32 20.10
N CYS A 135 -5.53 -17.18 19.99
CA CYS A 135 -5.33 -16.49 18.71
C CYS A 135 -3.87 -16.07 18.60
N PRO A 136 -3.37 -15.94 17.35
CA PRO A 136 -1.98 -15.57 17.11
C PRO A 136 -1.57 -14.30 17.84
N ASP A 137 -0.44 -14.35 18.54
CA ASP A 137 0.15 -13.12 19.05
C ASP A 137 0.87 -12.46 17.87
N TRP A 138 0.73 -11.14 17.73
CA TRP A 138 1.30 -10.50 16.54
C TRP A 138 2.82 -10.59 16.48
N ARG A 139 3.48 -10.68 17.64
CA ARG A 139 4.94 -10.84 17.69
C ARG A 139 5.37 -12.31 17.72
N LYS A 140 4.84 -13.08 18.66
CA LYS A 140 5.21 -14.49 18.85
C LYS A 140 4.84 -15.36 17.64
N ASP A 141 3.67 -15.11 17.06
CA ASP A 141 3.08 -16.02 16.09
C ASP A 141 3.19 -15.56 14.64
N CYS A 142 2.47 -14.50 14.29
CA CYS A 142 2.36 -14.01 12.91
C CYS A 142 1.63 -12.69 12.98
N SER A 143 1.94 -11.80 12.04
CA SER A 143 1.37 -10.45 12.04
C SER A 143 0.13 -10.34 11.18
N ASN A 144 -0.03 -11.25 10.20
CA ASN A 144 -1.21 -11.26 9.31
C ASN A 144 -2.40 -11.99 9.92
N ASN A 145 -2.72 -11.67 11.16
CA ASN A 145 -3.82 -12.29 11.86
C ASN A 145 -5.06 -11.37 11.85
N PRO A 146 -6.25 -11.93 12.10
CA PRO A 146 -7.51 -11.18 11.96
C PRO A 146 -7.56 -9.80 12.66
N VAL A 147 -7.09 -9.75 13.92
CA VAL A 147 -7.09 -8.52 14.69
C VAL A 147 -6.11 -7.51 14.13
N SER A 148 -4.89 -7.95 13.88
CA SER A 148 -3.84 -7.07 13.41
C SER A 148 -4.14 -6.50 12.04
N VAL A 149 -4.61 -7.36 11.15
CA VAL A 149 -5.02 -6.93 9.82
C VAL A 149 -6.20 -5.92 9.87
N PHE A 150 -7.17 -6.18 10.73
CA PHE A 150 -8.33 -5.29 10.88
C PHE A 150 -7.87 -3.90 11.25
N TRP A 151 -7.04 -3.82 12.29
CA TRP A 151 -6.63 -2.53 12.83
C TRP A 151 -5.76 -1.78 11.89
N LYS A 152 -4.88 -2.48 11.18
CA LYS A 152 -4.00 -1.86 10.20
C LYS A 152 -4.85 -1.20 9.11
N THR A 153 -5.84 -1.92 8.59
CA THR A 153 -6.69 -1.43 7.53
C THR A 153 -7.52 -0.19 7.95
N VAL A 154 -8.26 -0.28 9.05
CA VAL A 154 -9.05 0.86 9.55
C VAL A 154 -8.22 2.04 10.02
N SER A 155 -7.05 1.81 10.63
CA SER A 155 -6.20 2.90 11.07
C SER A 155 -5.71 3.70 9.87
N ARG A 156 -5.40 2.98 8.79
CA ARG A 156 -4.89 3.60 7.60
C ARG A 156 -5.96 4.45 6.95
N ARG A 157 -7.15 3.86 6.73
CA ARG A 157 -8.25 4.61 6.11
C ARG A 157 -8.62 5.84 6.94
N PHE A 158 -8.50 5.74 8.28
CA PHE A 158 -8.79 6.87 9.17
C PHE A 158 -7.78 7.99 9.01
N ALA A 159 -6.48 7.65 8.95
CA ALA A 159 -5.47 8.66 8.62
C ALA A 159 -5.73 9.33 7.26
N GLU A 160 -6.11 8.54 6.24
CA GLU A 160 -6.34 9.08 4.88
C GLU A 160 -7.53 10.04 4.81
N ALA A 161 -8.45 9.90 5.77
CA ALA A 161 -9.61 10.77 5.80
C ALA A 161 -9.36 12.15 6.42
N ALA A 162 -8.19 12.35 7.05
CA ALA A 162 -7.90 13.58 7.78
C ALA A 162 -7.47 14.76 6.89
N CYS A 163 -7.81 15.96 7.33
CA CYS A 163 -7.45 17.18 6.63
C CYS A 163 -7.12 18.27 7.64
N ASP A 164 -6.49 19.36 7.16
CA ASP A 164 -6.29 20.57 7.99
C ASP A 164 -5.35 20.30 9.18
N VAL A 165 -5.81 20.53 10.41
CA VAL A 165 -4.99 20.21 11.58
C VAL A 165 -5.44 18.86 12.13
N VAL A 166 -4.51 17.90 12.16
CA VAL A 166 -4.72 16.58 12.75
C VAL A 166 -3.98 16.57 14.11
N HIS A 167 -4.61 16.00 15.15
CA HIS A 167 -3.98 15.98 16.47
C HIS A 167 -3.65 14.55 16.84
N VAL A 168 -2.58 14.37 17.62
CA VAL A 168 -2.22 13.06 18.15
C VAL A 168 -1.81 13.19 19.61
N MET A 169 -2.42 12.36 20.45
CA MET A 169 -2.02 12.26 21.86
C MET A 169 -0.97 11.18 22.00
N LEU A 170 0.13 11.52 22.69
CA LEU A 170 1.23 10.59 22.92
C LEU A 170 1.54 10.46 24.39
N ASP A 171 1.97 9.27 24.80
CA ASP A 171 2.23 8.96 26.20
C ASP A 171 3.64 9.39 26.58
N GLY A 172 3.74 10.51 27.28
CA GLY A 172 5.01 11.10 27.66
C GLY A 172 5.84 10.29 28.62
N SER A 173 5.31 9.17 29.12
CA SER A 173 6.04 8.34 30.09
C SER A 173 6.58 7.03 29.46
N ARG A 174 6.40 6.88 28.15
CA ARG A 174 6.96 5.74 27.43
C ARG A 174 8.45 5.94 27.16
N SER A 175 9.17 4.81 27.08
CA SER A 175 10.56 4.78 26.65
C SER A 175 10.80 5.54 25.35
N LYS A 176 9.84 5.37 24.42
CA LYS A 176 9.79 6.08 23.15
C LYS A 176 8.42 6.76 23.06
N ILE A 177 8.39 8.07 23.27
CA ILE A 177 7.14 8.83 23.28
C ILE A 177 6.50 8.71 21.88
N PHE A 178 7.32 8.88 20.85
CA PHE A 178 6.93 8.48 19.49
C PHE A 178 7.65 7.18 19.15
N ASP A 179 6.88 6.19 18.73
CA ASP A 179 7.40 4.87 18.41
C ASP A 179 7.08 4.55 16.96
N LYS A 180 8.14 4.42 16.17
CA LYS A 180 8.03 4.13 14.76
C LYS A 180 7.37 2.78 14.51
N ASP A 181 7.44 1.90 15.50
CA ASP A 181 6.88 0.56 15.39
C ASP A 181 5.43 0.48 15.88
N SER A 182 4.86 1.58 16.35
CA SER A 182 3.44 1.58 16.71
C SER A 182 2.60 1.67 15.45
N THR A 183 1.30 1.43 15.58
CA THR A 183 0.40 1.62 14.45
C THR A 183 0.38 3.08 14.06
N PHE A 184 0.42 3.99 15.06
CA PHE A 184 0.48 5.41 14.73
C PHE A 184 1.72 5.73 13.85
N GLY A 185 2.90 5.33 14.32
CA GLY A 185 4.15 5.63 13.65
C GLY A 185 4.41 4.87 12.36
N SER A 186 3.93 3.62 12.26
CA SER A 186 4.27 2.81 11.09
C SER A 186 3.23 2.91 9.98
N VAL A 187 2.00 3.30 10.33
CA VAL A 187 0.87 3.27 9.41
C VAL A 187 0.27 4.66 9.26
N GLN A 188 -0.12 5.29 10.36
CA GLN A 188 -0.88 6.53 10.28
C GLN A 188 -0.05 7.74 9.80
N VAL A 189 1.14 7.93 10.34
CA VAL A 189 1.95 9.06 9.90
C VAL A 189 2.25 9.02 8.40
N HIS A 190 2.31 7.81 7.81
CA HIS A 190 2.66 7.63 6.41
C HIS A 190 1.48 7.69 5.46
N ASN A 191 0.29 7.77 6.02
CA ASN A 191 -0.93 7.82 5.24
C ASN A 191 -1.78 9.08 5.40
N LEU A 192 -1.30 10.02 6.21
CA LEU A 192 -1.78 11.41 6.19
C LEU A 192 -1.53 11.99 4.83
N GLN A 193 -2.52 12.65 4.22
CA GLN A 193 -2.38 13.14 2.83
C GLN A 193 -1.86 14.57 2.76
N PRO A 194 -0.62 14.77 2.29
CA PRO A 194 -0.04 16.12 2.27
C PRO A 194 -0.79 17.14 1.43
N GLU A 195 -1.57 16.70 0.43
CA GLU A 195 -2.44 17.63 -0.33
C GLU A 195 -3.50 18.24 0.62
N LYS A 196 -3.92 17.49 1.64
CA LYS A 196 -5.01 17.88 2.56
C LYS A 196 -4.57 18.33 3.97
N VAL A 197 -3.54 17.70 4.49
CA VAL A 197 -3.15 17.90 5.91
C VAL A 197 -2.17 19.05 6.02
N GLN A 198 -2.58 20.09 6.71
CA GLN A 198 -1.73 21.25 6.89
C GLN A 198 -0.68 20.99 7.96
N THR A 199 -1.14 20.50 9.11
CA THR A 199 -0.33 20.38 10.33
C THR A 199 -0.68 19.09 11.09
N LEU A 200 0.35 18.42 11.63
CA LEU A 200 0.16 17.42 12.63
C LEU A 200 0.60 18.01 13.98
N GLU A 201 -0.34 18.11 14.90
CA GLU A 201 -0.02 18.64 16.21
C GLU A 201 -0.05 17.51 17.26
N ALA A 202 1.07 17.35 17.95
CA ALA A 202 1.18 16.35 18.97
C ALA A 202 0.93 16.93 20.35
N TRP A 203 0.12 16.23 21.13
CA TRP A 203 -0.02 16.56 22.54
C TRP A 203 0.70 15.50 23.34
N VAL A 204 1.77 15.91 24.00
CA VAL A 204 2.57 14.99 24.84
C VAL A 204 2.08 14.99 26.29
N ILE A 205 1.46 13.87 26.68
CA ILE A 205 0.77 13.75 27.94
C ILE A 205 1.76 13.31 29.00
N HIS A 206 1.99 14.16 29.99
CA HIS A 206 2.89 13.81 31.10
C HIS A 206 2.24 12.80 32.03
N GLY A 207 3.00 11.77 32.38
CA GLY A 207 2.61 10.82 33.42
C GLY A 207 3.39 11.23 34.64
N GLY A 208 4.42 12.05 34.39
CA GLY A 208 5.32 12.54 35.44
C GLY A 208 4.66 13.55 36.36
N ARG A 209 4.79 13.30 37.65
CA ARG A 209 4.33 14.17 38.74
C ARG A 209 4.77 15.64 38.59
N GLU A 210 3.79 16.54 38.71
CA GLU A 210 4.02 17.99 38.90
C GLU A 210 4.67 18.73 37.70
N ASP A 211 5.92 19.19 37.90
CA ASP A 211 6.65 20.05 36.93
C ASP A 211 7.04 19.35 35.62
N SER A 212 8.23 18.76 35.60
CA SER A 212 8.71 17.88 34.52
C SER A 212 9.23 18.62 33.25
N ARG A 213 9.89 17.85 32.40
CA ARG A 213 10.67 18.38 31.28
C ARG A 213 9.84 18.89 30.11
N ASP A 214 10.50 19.63 29.22
CA ASP A 214 9.94 19.97 27.94
C ASP A 214 10.12 18.73 27.05
N LEU A 215 9.12 17.85 27.08
CA LEU A 215 9.21 16.58 26.36
C LEU A 215 8.96 16.73 24.84
N CYS A 216 8.52 17.91 24.40
CA CYS A 216 8.53 18.21 22.97
C CYS A 216 9.94 18.29 22.38
N GLN A 217 10.95 18.31 23.26
CA GLN A 217 12.37 18.25 22.84
C GLN A 217 12.96 16.83 22.84
N ASP A 218 12.16 15.84 23.22
CA ASP A 218 12.59 14.45 23.26
C ASP A 218 13.09 13.98 21.89
N PRO A 219 14.20 13.22 21.85
CA PRO A 219 14.74 12.72 20.59
C PRO A 219 13.69 12.09 19.65
N THR A 220 12.74 11.33 20.19
CA THR A 220 11.71 10.68 19.34
C THR A 220 10.70 11.67 18.78
N ILE A 221 10.45 12.75 19.50
CA ILE A 221 9.58 13.82 18.98
C ILE A 221 10.23 14.57 17.81
N LYS A 222 11.53 14.79 17.90
CA LYS A 222 12.32 15.35 16.80
C LYS A 222 12.33 14.45 15.56
N GLU A 223 12.27 13.13 15.78
CA GLU A 223 12.22 12.15 14.70
C GLU A 223 10.88 12.31 14.00
N LEU A 224 9.82 12.35 14.80
CA LEU A 224 8.48 12.55 14.30
C LEU A 224 8.38 13.84 13.48
N GLU A 225 8.81 14.95 14.06
CA GLU A 225 8.91 16.24 13.40
C GLU A 225 9.60 16.13 12.04
N SER A 226 10.75 15.48 12.04
CA SER A 226 11.55 15.32 10.84
C SER A 226 10.84 14.48 9.77
N ILE A 227 10.17 13.40 10.17
CA ILE A 227 9.48 12.53 9.22
C ILE A 227 8.32 13.29 8.59
N ILE A 228 7.54 13.95 9.45
CA ILE A 228 6.38 14.71 9.05
C ILE A 228 6.75 15.90 8.16
N SER A 229 7.80 16.63 8.53
CA SER A 229 8.29 17.75 7.70
C SER A 229 8.75 17.34 6.33
N LYS A 230 9.39 16.17 6.24
CA LYS A 230 9.87 15.69 4.94
C LYS A 230 8.70 15.23 4.09
N ARG A 231 7.53 15.04 4.70
CA ARG A 231 6.33 14.75 3.91
C ARG A 231 5.61 16.03 3.41
N ASN A 232 6.16 17.21 3.72
CA ASN A 232 5.52 18.52 3.40
C ASN A 232 4.28 18.82 4.25
N ILE A 233 4.31 18.36 5.49
CA ILE A 233 3.27 18.66 6.47
C ILE A 233 3.97 19.36 7.65
N GLN A 234 3.34 20.40 8.21
CA GLN A 234 3.91 21.12 9.35
C GLN A 234 3.77 20.32 10.62
N PHE A 235 4.69 20.53 11.55
CA PHE A 235 4.64 19.83 12.84
C PHE A 235 4.55 20.80 14.01
N SER A 236 3.67 20.46 14.94
CA SER A 236 3.44 21.28 16.12
C SER A 236 3.46 20.36 17.32
N CYS A 237 3.96 20.84 18.47
CA CYS A 237 3.95 20.03 19.70
C CYS A 237 3.63 20.84 20.94
N LYS A 238 2.90 20.22 21.86
CA LYS A 238 2.52 20.84 23.12
C LYS A 238 2.58 19.81 24.22
N ASN A 239 3.12 20.23 25.36
CA ASN A 239 3.13 19.44 26.57
C ASN A 239 1.81 19.54 27.28
N ILE A 240 1.29 18.42 27.75
CA ILE A 240 0.17 18.44 28.69
C ILE A 240 0.73 17.95 30.01
N TYR A 241 1.06 18.93 30.86
CA TYR A 241 1.77 18.68 32.09
C TYR A 241 0.94 17.93 33.13
N ARG A 242 -0.35 18.26 33.21
CA ARG A 242 -1.23 17.64 34.20
C ARG A 242 -2.52 17.24 33.49
N PRO A 243 -2.60 15.96 33.06
CA PRO A 243 -3.75 15.44 32.34
C PRO A 243 -5.08 15.61 33.12
N ASP A 244 -5.02 15.56 34.45
CA ASP A 244 -6.18 15.84 35.32
C ASP A 244 -6.75 17.25 35.13
N LYS A 245 -5.87 18.25 35.09
CA LYS A 245 -6.26 19.65 34.92
C LYS A 245 -6.75 19.90 33.50
N PHE A 246 -6.13 19.21 32.54
CA PHE A 246 -6.55 19.32 31.16
C PHE A 246 -8.00 18.87 31.04
N LEU A 247 -8.31 17.65 31.48
CA LEU A 247 -9.70 17.16 31.37
C LEU A 247 -10.68 18.10 32.05
N GLN A 248 -10.31 18.61 33.22
CA GLN A 248 -11.16 19.56 33.93
C GLN A 248 -11.38 20.85 33.16
N CYS A 249 -10.32 21.38 32.56
CA CYS A 249 -10.43 22.58 31.73
C CYS A 249 -11.27 22.38 30.47
N VAL A 250 -11.32 21.15 29.96
CA VAL A 250 -12.12 20.84 28.78
C VAL A 250 -13.58 20.83 29.21
N LYS A 251 -13.86 20.18 30.34
CA LYS A 251 -15.22 20.15 30.92
C LYS A 251 -15.71 21.55 31.33
N ASN A 252 -14.80 22.34 31.89
CA ASN A 252 -15.13 23.66 32.44
C ASN A 252 -14.06 24.69 32.08
N PRO A 253 -14.14 25.27 30.87
CA PRO A 253 -13.11 26.22 30.46
C PRO A 253 -13.21 27.52 31.24
N GLU A 254 -12.06 28.14 31.49
CA GLU A 254 -11.94 29.33 32.35
C GLU A 254 -12.48 29.13 33.77
N ASP A 255 -12.84 30.24 34.42
CA ASP A 255 -13.12 30.31 35.87
C ASP A 255 -12.00 29.64 36.67
N SER A 256 -11.92 28.32 36.59
CA SER A 256 -10.77 27.57 37.09
C SER A 256 -9.52 28.14 36.44
N SER A 257 -8.43 28.20 37.21
CA SER A 257 -7.11 28.57 36.72
C SER A 257 -6.65 27.70 35.53
N CYS A 258 -7.28 27.92 34.38
CA CYS A 258 -6.94 27.23 33.15
C CYS A 258 -6.09 28.13 32.26
N ARG B 7 20.86 -4.53 15.83
CA ARG B 7 21.80 -5.28 14.93
C ARG B 7 21.25 -6.66 14.54
N TRP B 8 20.47 -7.27 15.43
CA TRP B 8 19.80 -8.54 15.14
C TRP B 8 18.46 -8.36 14.42
N ARG B 9 18.00 -7.13 14.29
CA ARG B 9 16.70 -6.92 13.62
C ARG B 9 16.80 -6.13 12.32
N GLN B 10 15.97 -6.48 11.37
CA GLN B 10 15.85 -5.73 10.14
C GLN B 10 14.61 -4.85 10.21
N THR B 11 14.64 -3.71 9.54
CA THR B 11 13.52 -2.76 9.57
C THR B 11 12.35 -3.24 8.74
N TRP B 12 12.63 -3.92 7.63
CA TRP B 12 11.59 -4.16 6.65
C TRP B 12 11.44 -5.65 6.38
N SER B 13 10.32 -6.02 5.76
CA SER B 13 10.00 -7.42 5.40
C SER B 13 10.50 -7.87 4.03
N GLY B 14 10.82 -6.93 3.15
CA GLY B 14 11.20 -7.30 1.79
C GLY B 14 12.71 -7.42 1.62
N PRO B 15 13.16 -7.96 0.47
CA PRO B 15 14.58 -8.01 0.18
C PRO B 15 15.23 -6.61 0.24
N GLY B 16 16.46 -6.53 0.73
CA GLY B 16 17.22 -5.27 0.66
C GLY B 16 17.68 -4.85 -0.75
N THR B 17 18.46 -3.77 -0.83
CA THR B 17 18.94 -3.28 -2.11
C THR B 17 19.90 -4.34 -2.70
N THR B 18 19.75 -4.65 -3.97
CA THR B 18 20.64 -5.57 -4.69
C THR B 18 22.09 -5.18 -4.50
N LYS B 19 22.97 -6.15 -4.21
CA LYS B 19 24.38 -5.82 -3.99
C LYS B 19 24.93 -5.06 -5.19
N ARG B 20 25.82 -4.10 -4.93
CA ARG B 20 26.47 -3.30 -5.98
C ARG B 20 25.49 -2.52 -6.90
N PHE B 21 24.38 -2.09 -6.30
CA PHE B 21 23.32 -1.35 -6.99
C PHE B 21 23.84 -0.09 -7.75
N PRO B 22 24.60 0.80 -7.08
CA PRO B 22 25.17 1.95 -7.80
C PRO B 22 25.99 1.55 -9.02
N GLU B 23 26.88 0.58 -8.86
CA GLU B 23 27.75 0.16 -9.98
C GLU B 23 26.95 -0.50 -11.10
N THR B 24 25.91 -1.24 -10.75
CA THR B 24 25.04 -1.95 -11.68
C THR B 24 24.19 -1.00 -12.54
N VAL B 25 23.51 -0.06 -11.89
CA VAL B 25 22.71 0.96 -12.59
C VAL B 25 23.59 1.76 -13.53
N LEU B 26 24.79 2.12 -13.05
CA LEU B 26 25.74 2.88 -13.87
C LEU B 26 26.25 2.08 -15.08
N ALA B 27 26.60 0.81 -14.88
CA ALA B 27 26.99 -0.09 -15.99
C ALA B 27 25.87 -0.36 -17.01
N ARG B 28 24.63 -0.47 -16.52
CA ARG B 28 23.50 -0.68 -17.42
C ARG B 28 23.22 0.56 -18.23
N CYS B 29 23.48 1.73 -17.65
CA CYS B 29 23.32 2.96 -18.41
C CYS B 29 24.30 3.02 -19.58
N VAL B 30 25.58 2.78 -19.27
CA VAL B 30 26.66 2.74 -20.25
C VAL B 30 26.35 1.70 -21.34
N LYS B 31 26.02 0.48 -20.93
CA LYS B 31 25.65 -0.58 -21.87
C LYS B 31 24.44 -0.20 -22.75
N TYR B 32 23.38 0.37 -22.14
CA TYR B 32 22.17 0.74 -22.90
C TYR B 32 22.51 1.71 -24.05
N THR B 33 23.28 2.75 -23.73
CA THR B 33 23.60 3.79 -24.69
C THR B 33 24.56 3.30 -25.77
N GLU B 34 25.39 2.32 -25.42
CA GLU B 34 26.22 1.61 -26.40
C GLU B 34 25.41 0.83 -27.41
N ILE B 35 24.32 0.20 -26.96
CA ILE B 35 23.44 -0.61 -27.80
C ILE B 35 22.47 0.29 -28.58
N HIS B 36 22.00 1.36 -27.92
CA HIS B 36 21.03 2.29 -28.50
C HIS B 36 21.64 3.68 -28.73
N PRO B 37 22.28 3.90 -29.91
CA PRO B 37 22.99 5.16 -30.18
C PRO B 37 22.11 6.41 -30.14
N GLU B 38 20.80 6.24 -30.29
CA GLU B 38 19.88 7.37 -30.21
C GLU B 38 19.72 7.88 -28.77
N MET B 39 20.27 7.16 -27.80
CA MET B 39 20.20 7.56 -26.39
C MET B 39 21.55 8.03 -25.81
N ARG B 40 22.51 8.23 -26.69
CA ARG B 40 23.88 8.62 -26.31
C ARG B 40 24.04 10.09 -25.93
N HIS B 41 22.96 10.86 -25.98
CA HIS B 41 22.94 12.21 -25.48
C HIS B 41 22.82 12.21 -23.95
N VAL B 42 22.62 11.01 -23.36
CA VAL B 42 22.46 10.85 -21.89
C VAL B 42 23.80 10.87 -21.15
N ASP B 43 23.86 11.56 -20.02
CA ASP B 43 25.05 11.51 -19.16
C ASP B 43 24.75 10.50 -18.05
N CYS B 44 25.38 9.33 -18.13
CA CYS B 44 25.04 8.23 -17.24
C CYS B 44 25.23 8.55 -15.75
N GLN B 45 26.27 9.33 -15.42
CA GLN B 45 26.48 9.82 -14.05
C GLN B 45 25.35 10.75 -13.58
N SER B 46 24.86 11.60 -14.48
CA SER B 46 23.73 12.48 -14.16
C SER B 46 22.44 11.67 -13.94
N VAL B 47 22.25 10.62 -14.75
CA VAL B 47 21.14 9.66 -14.56
C VAL B 47 21.23 9.00 -13.18
N TRP B 48 22.41 8.50 -12.81
CA TRP B 48 22.58 7.92 -11.50
C TRP B 48 22.28 8.95 -10.41
N ASP B 49 22.84 10.15 -10.54
CA ASP B 49 22.64 11.19 -9.53
C ASP B 49 21.16 11.48 -9.32
N ALA B 50 20.39 11.44 -10.40
CA ALA B 50 18.95 11.73 -10.35
C ALA B 50 18.13 10.59 -9.76
N PHE B 51 18.51 9.35 -10.13
CA PHE B 51 17.93 8.13 -9.60
C PHE B 51 18.09 8.12 -8.07
N LYS B 52 19.34 8.31 -7.64
CA LYS B 52 19.73 8.30 -6.25
C LYS B 52 19.01 9.39 -5.44
N GLY B 53 18.88 10.58 -6.03
CA GLY B 53 18.26 11.73 -5.38
C GLY B 53 16.78 11.53 -5.11
N ALA B 54 16.17 10.61 -5.84
CA ALA B 54 14.76 10.26 -5.65
C ALA B 54 14.43 9.53 -4.33
N PHE B 55 15.39 8.81 -3.76
CA PHE B 55 15.07 7.94 -2.61
C PHE B 55 16.04 8.03 -1.45
N ILE B 56 17.26 8.49 -1.72
CA ILE B 56 18.31 8.64 -0.68
C ILE B 56 17.90 9.66 0.39
N SER B 57 18.05 9.30 1.66
CA SER B 57 17.70 10.19 2.76
C SER B 57 16.21 10.28 3.02
N LYS B 58 15.42 9.68 2.14
CA LYS B 58 13.98 9.74 2.24
C LYS B 58 13.47 8.52 2.98
N HIS B 59 12.45 8.71 3.83
CA HIS B 59 11.80 7.57 4.48
C HIS B 59 11.21 6.69 3.37
N PRO B 60 11.54 5.39 3.35
CA PRO B 60 11.09 4.55 2.22
C PRO B 60 9.59 4.22 2.16
N CYS B 61 8.78 4.81 3.03
CA CYS B 61 7.32 4.69 2.91
C CYS B 61 6.68 6.00 2.46
N ASP B 62 7.52 7.01 2.22
CA ASP B 62 7.05 8.35 1.89
C ASP B 62 7.47 8.86 0.49
N ILE B 63 7.81 7.93 -0.39
CA ILE B 63 8.27 8.30 -1.73
C ILE B 63 7.06 8.71 -2.56
N THR B 64 7.25 9.71 -3.44
CA THR B 64 6.18 10.18 -4.33
C THR B 64 6.67 10.19 -5.77
N GLU B 65 5.74 10.30 -6.71
CA GLU B 65 6.10 10.40 -8.14
C GLU B 65 6.97 11.61 -8.42
N GLU B 66 6.65 12.75 -7.80
CA GLU B 66 7.46 13.96 -7.88
C GLU B 66 8.95 13.74 -7.53
N ASP B 67 9.23 12.80 -6.60
CA ASP B 67 10.61 12.39 -6.29
C ASP B 67 11.37 11.88 -7.53
N TYR B 68 10.63 11.25 -8.45
CA TYR B 68 11.26 10.64 -9.62
C TYR B 68 11.30 11.53 -10.85
N GLN B 69 10.67 12.71 -10.75
CA GLN B 69 10.59 13.64 -11.90
C GLN B 69 11.93 13.99 -12.53
N PRO B 70 12.96 14.35 -11.73
CA PRO B 70 14.27 14.60 -12.38
C PRO B 70 14.76 13.37 -13.18
N LEU B 71 14.65 12.17 -12.63
CA LEU B 71 14.99 10.97 -13.38
C LEU B 71 14.12 10.78 -14.65
N MET B 72 12.81 11.01 -14.54
CA MET B 72 11.90 10.89 -15.69
C MET B 72 12.30 11.85 -16.82
N LYS B 73 12.78 13.03 -16.45
CA LYS B 73 13.18 14.04 -17.43
C LYS B 73 14.46 13.62 -18.18
N LEU B 74 15.50 13.25 -17.45
CA LEU B 74 16.74 12.77 -18.06
C LEU B 74 16.52 11.51 -18.88
N GLY B 75 15.62 10.65 -18.41
CA GLY B 75 15.33 9.39 -19.09
C GLY B 75 14.36 9.46 -20.25
N THR B 76 13.93 10.67 -20.65
CA THR B 76 12.99 10.87 -21.77
C THR B 76 13.51 10.15 -22.99
N GLN B 77 12.57 9.46 -23.65
CA GLN B 77 12.85 8.61 -24.77
C GLN B 77 11.53 8.38 -25.50
N THR B 78 11.50 8.66 -26.79
CA THR B 78 10.31 8.40 -27.57
C THR B 78 10.50 7.07 -28.29
N VAL B 79 9.57 6.15 -28.11
CA VAL B 79 9.53 4.93 -28.91
C VAL B 79 8.31 5.00 -29.83
N PRO B 80 8.34 4.29 -30.97
CA PRO B 80 7.15 4.39 -31.80
C PRO B 80 5.94 3.90 -30.98
N CYS B 81 4.97 4.79 -30.78
CA CYS B 81 3.81 4.48 -29.92
C CYS B 81 2.93 3.31 -30.40
N ASN B 82 3.06 2.96 -31.69
CA ASN B 82 2.30 1.84 -32.26
C ASN B 82 2.95 0.47 -32.15
N LYS B 83 4.09 0.40 -31.49
CA LYS B 83 4.83 -0.86 -31.32
C LYS B 83 5.12 -1.13 -29.84
N ILE B 84 4.11 -0.92 -29.00
CA ILE B 84 4.26 -1.12 -27.57
C ILE B 84 3.67 -2.45 -27.13
N LEU B 85 4.46 -3.13 -26.28
CA LEU B 85 4.10 -4.41 -25.70
C LEU B 85 4.11 -4.28 -24.18
N LEU B 86 2.94 -4.48 -23.61
CA LEU B 86 2.73 -4.51 -22.18
C LEU B 86 2.67 -5.99 -21.81
N TRP B 87 2.85 -6.30 -20.53
CA TRP B 87 2.76 -7.72 -20.12
C TRP B 87 2.34 -7.75 -18.67
N SER B 88 1.92 -8.92 -18.22
CA SER B 88 1.57 -9.12 -16.83
C SER B 88 1.88 -10.57 -16.50
N ARG B 89 2.81 -10.76 -15.55
CA ARG B 89 3.16 -12.07 -14.99
C ARG B 89 3.83 -13.02 -15.98
N ILE B 90 4.36 -12.47 -17.07
CA ILE B 90 5.02 -13.27 -18.09
C ILE B 90 6.17 -12.48 -18.72
N LYS B 91 6.99 -11.90 -17.84
CA LYS B 91 8.08 -11.03 -18.22
C LYS B 91 9.03 -11.70 -19.22
N ASP B 92 9.44 -12.93 -18.93
CA ASP B 92 10.50 -13.58 -19.70
C ASP B 92 10.15 -13.83 -21.17
N LEU B 93 8.93 -14.27 -21.46
CA LEU B 93 8.53 -14.48 -22.86
C LEU B 93 8.40 -13.13 -23.60
N ALA B 94 7.93 -12.09 -22.90
CA ALA B 94 7.76 -10.80 -23.54
C ALA B 94 9.11 -10.23 -23.98
N HIS B 95 10.12 -10.32 -23.10
CA HIS B 95 11.47 -9.85 -23.46
C HIS B 95 12.13 -10.72 -24.54
N GLN B 96 11.82 -12.00 -24.54
CA GLN B 96 12.40 -12.89 -25.53
C GLN B 96 11.83 -12.54 -26.91
N PHE B 97 10.54 -12.22 -26.93
CA PHE B 97 9.84 -11.84 -28.16
C PHE B 97 10.41 -10.52 -28.74
N THR B 98 10.56 -9.47 -27.93
CA THR B 98 11.20 -8.23 -28.43
C THR B 98 12.71 -8.36 -28.67
N GLN B 99 13.33 -9.40 -28.11
CA GLN B 99 14.70 -9.72 -28.48
C GLN B 99 14.76 -10.21 -29.93
N VAL B 100 13.72 -10.93 -30.36
CA VAL B 100 13.74 -11.71 -31.61
C VAL B 100 13.99 -10.90 -32.90
N GLN B 101 13.16 -9.92 -33.19
CA GLN B 101 13.39 -9.11 -34.40
C GLN B 101 13.67 -7.64 -34.07
N ARG B 102 13.43 -7.27 -32.80
CA ARG B 102 13.78 -5.95 -32.24
C ARG B 102 12.79 -4.85 -32.62
N ASP B 103 11.62 -5.29 -33.06
CA ASP B 103 10.60 -4.38 -33.60
C ASP B 103 9.79 -3.66 -32.51
N MET B 104 9.43 -4.40 -31.47
CA MET B 104 8.49 -3.96 -30.46
C MET B 104 9.28 -3.59 -29.23
N PHE B 105 8.65 -2.82 -28.33
CA PHE B 105 9.25 -2.39 -27.08
C PHE B 105 8.37 -2.76 -25.90
N THR B 106 8.97 -3.39 -24.91
CA THR B 106 8.38 -3.44 -23.59
C THR B 106 8.99 -2.30 -22.84
N LEU B 107 8.44 -2.02 -21.67
CA LEU B 107 8.96 -0.98 -20.81
C LEU B 107 10.45 -1.19 -20.49
N GLU B 108 10.86 -2.44 -20.39
CA GLU B 108 12.24 -2.76 -19.98
C GLU B 108 13.23 -2.69 -21.16
N ASP B 109 12.71 -2.36 -22.34
CA ASP B 109 13.51 -2.09 -23.52
C ASP B 109 13.79 -0.58 -23.68
N THR B 110 13.14 0.24 -22.84
CA THR B 110 13.46 1.67 -22.67
C THR B 110 14.61 1.82 -21.67
N LEU B 111 15.39 2.90 -21.78
CA LEU B 111 16.49 3.15 -20.83
C LEU B 111 16.04 2.95 -19.37
N LEU B 112 14.97 3.63 -18.97
CA LEU B 112 14.59 3.61 -17.56
C LEU B 112 14.13 2.25 -17.08
N GLY B 113 13.27 1.57 -17.87
CA GLY B 113 12.89 0.19 -17.57
C GLY B 113 14.12 -0.72 -17.47
N TYR B 114 15.06 -0.54 -18.40
CA TYR B 114 16.26 -1.38 -18.49
C TYR B 114 17.20 -1.23 -17.27
N LEU B 115 17.35 0.00 -16.80
CA LEU B 115 18.16 0.30 -15.61
C LEU B 115 17.66 -0.46 -14.39
N ALA B 116 16.35 -0.49 -14.20
CA ALA B 116 15.75 -0.93 -12.93
C ALA B 116 15.32 -2.39 -12.88
N ASP B 117 15.14 -3.00 -14.06
CA ASP B 117 14.60 -4.38 -14.12
C ASP B 117 15.31 -5.39 -13.22
N ASP B 118 14.53 -6.11 -12.41
CA ASP B 118 15.01 -7.15 -11.48
C ASP B 118 15.89 -6.57 -10.34
N LEU B 119 15.85 -5.27 -10.14
CA LEU B 119 16.60 -4.63 -9.06
C LEU B 119 15.67 -4.17 -7.91
N THR B 120 16.21 -4.14 -6.69
CA THR B 120 15.51 -3.63 -5.50
C THR B 120 16.40 -2.53 -4.95
N TRP B 121 15.80 -1.44 -4.44
CA TRP B 121 16.59 -0.39 -3.79
C TRP B 121 15.74 0.36 -2.74
N CYS B 122 16.42 0.84 -1.71
CA CYS B 122 15.84 1.79 -0.78
C CYS B 122 16.94 2.45 0.05
N GLY B 123 16.60 3.55 0.70
CA GLY B 123 17.53 4.28 1.52
C GLY B 123 17.03 4.24 2.94
N GLU B 124 17.50 5.18 3.74
CA GLU B 124 17.10 5.25 5.12
C GLU B 124 16.79 6.69 5.38
N PHE B 125 15.73 6.88 6.16
CA PHE B 125 15.29 8.19 6.49
C PHE B 125 16.42 8.93 7.21
N ASP B 126 16.81 10.07 6.64
CA ASP B 126 17.77 10.99 7.28
C ASP B 126 19.21 10.48 7.44
N THR B 127 19.60 9.58 6.54
CA THR B 127 20.95 9.06 6.44
C THR B 127 21.18 9.07 4.94
N SER B 128 22.44 9.18 4.50
CA SER B 128 22.70 9.06 3.05
C SER B 128 22.92 7.61 2.60
N LYS B 129 22.70 6.65 3.49
CA LYS B 129 23.03 5.27 3.18
C LYS B 129 21.93 4.55 2.42
N ILE B 130 22.36 3.65 1.56
CA ILE B 130 21.46 2.75 0.83
C ILE B 130 21.25 1.59 1.78
N ASN B 131 20.03 1.05 1.84
CA ASN B 131 19.77 -0.05 2.81
C ASN B 131 19.94 -1.40 2.09
N TYR B 132 21.05 -2.07 2.35
CA TYR B 132 21.34 -3.34 1.72
C TYR B 132 20.76 -4.58 2.45
N GLN B 133 20.17 -4.39 3.65
CA GLN B 133 19.67 -5.52 4.45
C GLN B 133 18.18 -5.86 4.19
N SER B 134 17.34 -4.82 4.09
CA SER B 134 15.90 -5.02 3.85
C SER B 134 15.29 -3.77 3.22
N CYS B 135 14.12 -3.94 2.56
CA CYS B 135 13.38 -2.82 1.95
C CYS B 135 11.88 -3.13 2.07
N PRO B 136 11.02 -2.10 2.09
CA PRO B 136 9.61 -2.38 2.33
C PRO B 136 8.98 -3.31 1.31
N ASP B 137 8.13 -4.21 1.79
CA ASP B 137 7.30 -5.03 0.93
C ASP B 137 6.00 -4.28 0.64
N TRP B 138 5.66 -4.10 -0.65
CA TRP B 138 4.49 -3.30 -1.01
C TRP B 138 3.19 -3.73 -0.35
N ARG B 139 3.11 -5.00 0.04
CA ARG B 139 1.90 -5.55 0.68
C ARG B 139 1.93 -5.54 2.20
N LYS B 140 3.06 -5.95 2.79
CA LYS B 140 3.18 -6.11 4.24
C LYS B 140 3.61 -4.82 4.92
N ASP B 141 4.42 -4.02 4.23
CA ASP B 141 5.01 -2.83 4.84
C ASP B 141 4.25 -1.58 4.38
N CYS B 142 4.54 -1.10 3.19
CA CYS B 142 3.96 0.13 2.67
C CYS B 142 4.10 0.20 1.14
N SER B 143 3.11 0.76 0.48
CA SER B 143 3.09 0.79 -0.99
C SER B 143 3.90 1.95 -1.62
N ASN B 144 4.08 3.05 -0.89
CA ASN B 144 4.79 4.21 -1.42
C ASN B 144 6.29 4.10 -1.15
N ASN B 145 6.85 3.00 -1.58
CA ASN B 145 8.26 2.72 -1.43
C ASN B 145 9.03 2.99 -2.74
N PRO B 146 10.37 3.13 -2.66
CA PRO B 146 11.13 3.53 -3.85
C PRO B 146 10.89 2.69 -5.09
N VAL B 147 10.86 1.37 -4.94
CA VAL B 147 10.69 0.46 -6.05
C VAL B 147 9.28 0.56 -6.61
N SER B 148 8.27 0.52 -5.74
CA SER B 148 6.85 0.54 -6.18
C SER B 148 6.46 1.84 -6.90
N VAL B 149 6.92 2.97 -6.38
CA VAL B 149 6.55 4.27 -6.91
C VAL B 149 7.24 4.44 -8.28
N PHE B 150 8.48 3.97 -8.38
CA PHE B 150 9.21 4.01 -9.65
C PHE B 150 8.39 3.32 -10.71
N TRP B 151 8.07 2.04 -10.46
CA TRP B 151 7.36 1.25 -11.48
C TRP B 151 6.00 1.79 -11.85
N LYS B 152 5.24 2.20 -10.85
CA LYS B 152 3.95 2.89 -11.06
C LYS B 152 4.12 4.11 -11.96
N THR B 153 5.12 4.95 -11.66
CA THR B 153 5.32 6.17 -12.42
C THR B 153 5.68 5.87 -13.88
N VAL B 154 6.68 5.02 -14.11
CA VAL B 154 7.09 4.75 -15.49
C VAL B 154 6.10 3.92 -16.28
N SER B 155 5.40 3.00 -15.60
CA SER B 155 4.38 2.17 -16.25
C SER B 155 3.22 2.98 -16.74
N ARG B 156 2.82 3.99 -15.97
CA ARG B 156 1.73 4.86 -16.35
C ARG B 156 2.10 5.69 -17.57
N ARG B 157 3.30 6.29 -17.53
CA ARG B 157 3.76 7.16 -18.63
C ARG B 157 3.86 6.35 -19.92
N PHE B 158 4.41 5.14 -19.80
CA PHE B 158 4.58 4.23 -20.92
C PHE B 158 3.24 3.89 -21.57
N ALA B 159 2.22 3.68 -20.74
CA ALA B 159 0.87 3.39 -21.21
C ALA B 159 0.25 4.60 -21.87
N GLU B 160 0.42 5.77 -21.25
CA GLU B 160 -0.12 7.04 -21.77
C GLU B 160 0.42 7.37 -23.16
N ALA B 161 1.64 6.91 -23.44
CA ALA B 161 2.31 7.18 -24.71
C ALA B 161 1.84 6.30 -25.88
N ALA B 162 1.25 5.15 -25.56
CA ALA B 162 0.93 4.16 -26.57
C ALA B 162 -0.19 4.64 -27.51
N CYS B 163 -0.09 4.29 -28.79
CA CYS B 163 -1.12 4.64 -29.77
C CYS B 163 -1.50 3.45 -30.65
N ASP B 164 -2.54 3.61 -31.44
CA ASP B 164 -2.91 2.62 -32.46
C ASP B 164 -3.35 1.29 -31.82
N VAL B 165 -2.66 0.21 -32.17
CA VAL B 165 -2.93 -1.08 -31.57
C VAL B 165 -1.84 -1.31 -30.52
N VAL B 166 -2.24 -1.53 -29.27
CA VAL B 166 -1.33 -1.87 -28.16
C VAL B 166 -1.50 -3.35 -27.85
N HIS B 167 -0.40 -4.08 -27.72
CA HIS B 167 -0.47 -5.49 -27.41
C HIS B 167 -0.07 -5.76 -25.98
N VAL B 168 -0.77 -6.70 -25.35
CA VAL B 168 -0.38 -7.10 -23.99
C VAL B 168 -0.26 -8.62 -23.97
N MET B 169 0.81 -9.10 -23.36
CA MET B 169 1.05 -10.52 -23.16
C MET B 169 0.57 -10.90 -21.77
N LEU B 170 -0.30 -11.89 -21.71
CA LEU B 170 -0.83 -12.40 -20.44
C LEU B 170 -0.48 -13.87 -20.24
N ASP B 171 -0.32 -14.28 -18.99
CA ASP B 171 -0.04 -15.66 -18.62
C ASP B 171 -1.32 -16.47 -18.40
N GLY B 172 -1.55 -17.46 -19.26
CA GLY B 172 -2.76 -18.27 -19.24
C GLY B 172 -2.81 -19.42 -18.25
N SER B 173 -1.69 -19.75 -17.62
CA SER B 173 -1.68 -20.73 -16.54
C SER B 173 -1.88 -20.08 -15.16
N ARG B 174 -2.24 -18.79 -15.16
CA ARG B 174 -2.63 -18.07 -13.96
C ARG B 174 -4.09 -18.34 -13.64
N SER B 175 -4.41 -18.36 -12.35
CA SER B 175 -5.80 -18.47 -11.91
C SER B 175 -6.48 -17.09 -11.87
N LYS B 176 -5.78 -16.10 -12.45
CA LYS B 176 -6.33 -14.81 -12.81
C LYS B 176 -5.51 -14.34 -14.01
N ILE B 177 -5.95 -14.70 -15.22
CA ILE B 177 -5.19 -14.38 -16.43
C ILE B 177 -4.97 -12.87 -16.53
N PHE B 178 -6.05 -12.12 -16.40
CA PHE B 178 -5.98 -10.68 -16.16
C PHE B 178 -6.31 -10.46 -14.70
N ASP B 179 -5.47 -9.68 -14.04
CA ASP B 179 -5.58 -9.43 -12.61
C ASP B 179 -5.80 -7.94 -12.39
N LYS B 180 -6.99 -7.60 -11.89
CA LYS B 180 -7.42 -6.22 -11.64
C LYS B 180 -6.37 -5.46 -10.85
N ASP B 181 -5.67 -6.18 -9.98
CA ASP B 181 -4.78 -5.61 -8.96
C ASP B 181 -3.31 -5.56 -9.39
N SER B 182 -3.01 -5.97 -10.62
CA SER B 182 -1.65 -5.91 -11.14
C SER B 182 -1.34 -4.47 -11.57
N THR B 183 -0.06 -4.20 -11.87
CA THR B 183 0.32 -2.91 -12.46
C THR B 183 -0.37 -2.69 -13.81
N PHE B 184 -0.39 -3.73 -14.66
CA PHE B 184 -1.14 -3.63 -15.92
C PHE B 184 -2.64 -3.37 -15.68
N GLY B 185 -3.19 -4.12 -14.74
CA GLY B 185 -4.61 -4.04 -14.43
C GLY B 185 -5.04 -2.75 -13.79
N SER B 186 -4.15 -2.15 -13.00
CA SER B 186 -4.49 -0.96 -12.22
C SER B 186 -4.07 0.33 -12.90
N VAL B 187 -2.79 0.41 -13.25
CA VAL B 187 -2.20 1.63 -13.74
C VAL B 187 -2.35 1.71 -15.27
N GLN B 188 -2.01 0.64 -15.98
CA GLN B 188 -1.80 0.76 -17.40
C GLN B 188 -3.08 0.77 -18.21
N VAL B 189 -3.99 -0.16 -17.93
CA VAL B 189 -5.24 -0.23 -18.70
C VAL B 189 -6.02 1.08 -18.58
N HIS B 190 -6.01 1.67 -17.39
CA HIS B 190 -6.76 2.90 -17.13
C HIS B 190 -6.04 4.16 -17.61
N ASN B 191 -4.85 3.98 -18.19
CA ASN B 191 -4.17 5.10 -18.84
C ASN B 191 -3.97 4.97 -20.36
N LEU B 192 -4.58 3.97 -20.98
CA LEU B 192 -4.65 3.91 -22.44
C LEU B 192 -5.58 5.00 -22.94
N GLN B 193 -5.04 5.94 -23.73
CA GLN B 193 -5.80 7.09 -24.23
C GLN B 193 -6.68 6.72 -25.43
N PRO B 194 -8.02 6.80 -25.28
CA PRO B 194 -8.97 6.60 -26.37
C PRO B 194 -8.66 7.39 -27.65
N GLU B 195 -8.08 8.58 -27.50
CA GLU B 195 -7.74 9.45 -28.64
C GLU B 195 -6.47 9.02 -29.37
N LYS B 196 -5.67 8.17 -28.74
CA LYS B 196 -4.47 7.63 -29.38
C LYS B 196 -4.69 6.15 -29.72
N VAL B 197 -5.33 5.42 -28.81
CA VAL B 197 -5.44 3.96 -28.92
C VAL B 197 -6.75 3.53 -29.54
N GLN B 198 -6.62 2.68 -30.55
CA GLN B 198 -7.75 2.13 -31.25
C GLN B 198 -8.13 0.79 -30.60
N THR B 199 -7.13 -0.06 -30.38
CA THR B 199 -7.35 -1.45 -30.01
C THR B 199 -6.33 -1.92 -28.97
N LEU B 200 -6.80 -2.68 -27.98
CA LEU B 200 -5.90 -3.48 -27.15
C LEU B 200 -6.04 -4.94 -27.56
N GLU B 201 -4.92 -5.53 -27.97
CA GLU B 201 -4.90 -6.93 -28.30
C GLU B 201 -4.14 -7.71 -27.25
N ALA B 202 -4.84 -8.60 -26.55
CA ALA B 202 -4.18 -9.46 -25.55
C ALA B 202 -3.70 -10.74 -26.21
N TRP B 203 -2.49 -11.17 -25.85
CA TRP B 203 -1.98 -12.48 -26.29
C TRP B 203 -1.90 -13.41 -25.10
N VAL B 204 -2.83 -14.35 -25.04
CA VAL B 204 -2.89 -15.23 -23.88
C VAL B 204 -1.99 -16.45 -24.10
N ILE B 205 -0.93 -16.51 -23.30
CA ILE B 205 0.07 -17.54 -23.45
C ILE B 205 -0.33 -18.77 -22.65
N HIS B 206 -0.46 -19.91 -23.34
CA HIS B 206 -0.81 -21.18 -22.70
C HIS B 206 0.35 -21.77 -21.91
N GLY B 207 0.02 -22.50 -20.85
CA GLY B 207 1.01 -23.14 -19.99
C GLY B 207 1.47 -24.50 -20.48
N GLY B 208 1.11 -25.55 -19.74
CA GLY B 208 1.68 -26.88 -19.97
C GLY B 208 0.75 -28.00 -20.42
N ARG B 209 1.38 -29.10 -20.84
CA ARG B 209 0.73 -30.37 -21.18
C ARG B 209 -0.27 -30.35 -22.36
N GLU B 210 -0.11 -29.39 -23.27
CA GLU B 210 -0.84 -29.35 -24.56
C GLU B 210 -2.32 -29.01 -24.44
N ASP B 211 -3.11 -29.55 -25.39
CA ASP B 211 -4.56 -29.35 -25.50
C ASP B 211 -5.05 -27.94 -25.17
N SER B 212 -6.03 -27.86 -24.28
CA SER B 212 -6.49 -26.61 -23.65
C SER B 212 -7.74 -25.94 -24.29
N ARG B 213 -8.09 -24.81 -23.53
CA ARG B 213 -9.23 -23.99 -23.83
C ARG B 213 -8.89 -22.87 -24.83
N ASP B 214 -9.95 -22.27 -25.36
CA ASP B 214 -9.87 -20.94 -25.91
C ASP B 214 -9.90 -20.05 -24.67
N LEU B 215 -8.72 -19.64 -24.25
CA LEU B 215 -8.56 -18.90 -23.00
C LEU B 215 -9.00 -17.45 -23.15
N CYS B 216 -9.29 -17.04 -24.38
CA CYS B 216 -9.87 -15.73 -24.63
C CYS B 216 -11.31 -15.61 -24.10
N GLN B 217 -11.88 -16.74 -23.68
CA GLN B 217 -13.21 -16.77 -23.07
C GLN B 217 -13.19 -16.85 -21.54
N ASP B 218 -11.99 -16.90 -20.96
CA ASP B 218 -11.85 -16.87 -19.49
C ASP B 218 -12.60 -15.65 -18.94
N PRO B 219 -13.29 -15.81 -17.80
CA PRO B 219 -14.06 -14.69 -17.23
C PRO B 219 -13.24 -13.43 -16.89
N THR B 220 -11.95 -13.58 -16.59
CA THR B 220 -11.09 -12.41 -16.35
C THR B 220 -10.71 -11.70 -17.66
N ILE B 221 -10.81 -12.43 -18.78
CA ILE B 221 -10.61 -11.81 -20.10
C ILE B 221 -11.85 -11.01 -20.48
N LYS B 222 -13.01 -11.50 -20.06
CA LYS B 222 -14.26 -10.78 -20.30
C LYS B 222 -14.34 -9.52 -19.46
N GLU B 223 -13.73 -9.59 -18.28
CA GLU B 223 -13.59 -8.44 -17.39
C GLU B 223 -12.63 -7.39 -17.97
N LEU B 224 -11.49 -7.83 -18.51
CA LEU B 224 -10.59 -6.93 -19.23
C LEU B 224 -11.30 -6.31 -20.43
N GLU B 225 -11.99 -7.16 -21.20
CA GLU B 225 -12.75 -6.73 -22.36
C GLU B 225 -13.72 -5.62 -21.97
N SER B 226 -14.41 -5.82 -20.85
CA SER B 226 -15.41 -4.85 -20.39
C SER B 226 -14.77 -3.52 -19.98
N ILE B 227 -13.62 -3.60 -19.32
CA ILE B 227 -12.92 -2.41 -18.85
C ILE B 227 -12.58 -1.49 -20.02
N ILE B 228 -11.84 -1.99 -21.00
CA ILE B 228 -11.38 -1.16 -22.11
C ILE B 228 -12.47 -0.75 -23.11
N SER B 229 -13.49 -1.59 -23.25
CA SER B 229 -14.60 -1.25 -24.15
C SER B 229 -15.35 -0.04 -23.58
N LYS B 230 -15.45 0.03 -22.25
CA LYS B 230 -16.04 1.19 -21.54
C LYS B 230 -15.19 2.45 -21.70
N ARG B 231 -13.89 2.28 -21.87
CA ARG B 231 -12.97 3.38 -22.15
C ARG B 231 -12.97 3.75 -23.64
N ASN B 232 -13.92 3.18 -24.37
CA ASN B 232 -14.14 3.42 -25.80
C ASN B 232 -13.02 2.97 -26.75
N ILE B 233 -12.43 1.82 -26.43
CA ILE B 233 -11.30 1.22 -27.15
C ILE B 233 -11.72 -0.18 -27.58
N GLN B 234 -11.25 -0.62 -28.74
CA GLN B 234 -11.52 -1.99 -29.22
C GLN B 234 -10.72 -3.05 -28.48
N PHE B 235 -11.38 -4.16 -28.14
CA PHE B 235 -10.67 -5.29 -27.55
C PHE B 235 -10.53 -6.48 -28.49
N SER B 236 -9.30 -6.98 -28.58
CA SER B 236 -8.99 -8.17 -29.35
C SER B 236 -8.17 -9.13 -28.47
N CYS B 237 -8.34 -10.42 -28.70
CA CYS B 237 -7.65 -11.43 -27.92
C CYS B 237 -7.18 -12.57 -28.80
N LYS B 238 -6.01 -13.13 -28.48
CA LYS B 238 -5.42 -14.21 -29.25
C LYS B 238 -4.87 -15.29 -28.33
N ASN B 239 -5.14 -16.55 -28.67
CA ASN B 239 -4.52 -17.67 -27.99
C ASN B 239 -3.15 -18.00 -28.58
N ILE B 240 -2.15 -18.13 -27.72
CA ILE B 240 -0.86 -18.68 -28.12
C ILE B 240 -0.65 -19.99 -27.39
N TYR B 241 -0.81 -21.08 -28.12
CA TYR B 241 -0.83 -22.43 -27.56
C TYR B 241 0.57 -22.98 -27.30
N ARG B 242 1.49 -22.72 -28.22
CA ARG B 242 2.85 -23.24 -28.16
C ARG B 242 3.83 -22.08 -28.15
N PRO B 243 4.18 -21.58 -26.94
CA PRO B 243 5.15 -20.49 -26.75
C PRO B 243 6.48 -20.74 -27.47
N ASP B 244 7.01 -21.95 -27.31
CA ASP B 244 8.24 -22.41 -27.97
C ASP B 244 8.21 -22.30 -29.50
N LYS B 245 7.10 -22.74 -30.10
CA LYS B 245 6.92 -22.71 -31.56
C LYS B 245 6.67 -21.26 -32.02
N PHE B 246 5.93 -20.51 -31.22
CA PHE B 246 5.62 -19.10 -31.51
C PHE B 246 6.90 -18.30 -31.65
N LEU B 247 7.79 -18.42 -30.65
CA LEU B 247 9.11 -17.82 -30.67
C LEU B 247 10.00 -18.23 -31.84
N GLN B 248 9.93 -19.50 -32.24
CA GLN B 248 10.70 -19.97 -33.37
C GLN B 248 10.08 -19.48 -34.69
N CYS B 249 8.77 -19.26 -34.69
CA CYS B 249 8.09 -18.68 -35.85
C CYS B 249 8.40 -17.20 -35.97
N VAL B 250 8.48 -16.50 -34.84
CA VAL B 250 8.90 -15.09 -34.84
C VAL B 250 10.34 -14.98 -35.34
N LYS B 251 11.19 -15.88 -34.88
CA LYS B 251 12.61 -15.94 -35.28
C LYS B 251 12.80 -16.18 -36.77
N ASN B 252 12.03 -17.11 -37.34
CA ASN B 252 12.02 -17.35 -38.79
C ASN B 252 10.60 -17.63 -39.31
N PRO B 253 9.93 -16.60 -39.86
CA PRO B 253 8.48 -16.58 -40.01
C PRO B 253 7.92 -17.17 -41.31
N GLU B 254 6.59 -17.28 -41.37
CA GLU B 254 5.80 -17.61 -42.58
C GLU B 254 5.64 -19.10 -42.93
N ASP B 255 6.55 -19.64 -43.74
CA ASP B 255 6.46 -21.02 -44.24
C ASP B 255 6.53 -22.06 -43.10
N SER B 256 7.75 -22.49 -42.77
CA SER B 256 8.02 -23.49 -41.72
C SER B 256 6.87 -24.47 -41.44
N SER B 257 6.41 -24.52 -40.18
CA SER B 257 5.18 -25.22 -39.83
C SER B 257 4.26 -24.25 -39.08
N CYS B 258 4.46 -22.96 -39.36
CA CYS B 258 3.70 -21.87 -38.73
C CYS B 258 2.27 -21.78 -39.29
#